data_6A85
#
_entry.id   6A85
#
_cell.length_a   37.822
_cell.length_b   46.651
_cell.length_c   51.311
_cell.angle_alpha   90.00
_cell.angle_beta   90.00
_cell.angle_gamma   90.00
#
_symmetry.space_group_name_H-M   'P 21 21 2'
#
loop_
_entity.id
_entity.type
_entity.pdbx_description
1 polymer "DNA (5'-D(*AP*GP*AP*GP*AP*GP*AP*TP*GP*GP*GP*TP*GP*CP*GP*TP*T)-3')"
2 non-polymer 'LITHIUM ION'
3 non-polymer 'SODIUM ION'
4 non-polymer 'LEAD (II) ION'
5 non-polymer 'AMMONIUM ION'
6 water water
#
_entity_poly.entity_id   1
_entity_poly.type   'polydeoxyribonucleotide'
_entity_poly.pdbx_seq_one_letter_code
;(DA)(DG)(DA)(DG)(DA)(DG)(DA)(DT)(DG)(DG)(DG)(DT)(DG)(DC)(DG)(DT)(DT)
;
_entity_poly.pdbx_strand_id   A,B
#
loop_
_chem_comp.id
_chem_comp.type
_chem_comp.name
_chem_comp.formula
DA DNA linking 2'-DEOXYADENOSINE-5'-MONOPHOSPHATE 'C10 H14 N5 O6 P'
DC DNA linking 2'-DEOXYCYTIDINE-5'-MONOPHOSPHATE 'C9 H14 N3 O7 P'
DG DNA linking 2'-DEOXYGUANOSINE-5'-MONOPHOSPHATE 'C10 H14 N5 O7 P'
DT DNA linking THYMIDINE-5'-MONOPHOSPHATE 'C10 H15 N2 O8 P'
LI non-polymer 'LITHIUM ION' 'Li 1'
NA non-polymer 'SODIUM ION' 'Na 1'
NH4 non-polymer 'AMMONIUM ION' 'H4 N 1'
PB non-polymer 'LEAD (II) ION' 'Pb 2'
#
# COMPACT_ATOMS: atom_id res chain seq x y z
LI LI C . 5.51 -11.36 4.23
LI LI D . 10.00 -20.60 7.67
NA NA E . -8.38 17.26 -6.43
NA NA F . -4.15 8.55 -3.18
NA NA G . -3.01 6.20 -2.31
NA NA H . -1.48 3.04 -1.13
NA NA I . -0.06 0.11 -0.04
NA NA J . 1.34 -2.74 1.02
NA NA K . 2.78 -5.73 2.13
NA NA L . 4.34 -8.95 3.33
NA NA M . 8.62 -17.77 6.61
PB PB N . 7.04 -14.50 5.40
NA NA O . -5.70 11.74 -4.37
NA NA P . -6.88 14.17 -5.28
N NH4 Q . -9.98 20.56 -7.66
#